data_7LQ3
#
_entry.id   7LQ3
#
_cell.length_a   78.545
_cell.length_b   78.545
_cell.length_c   81.340
_cell.angle_alpha   90.000
_cell.angle_beta   90.000
_cell.angle_gamma   90.000
#
_symmetry.space_group_name_H-M   'P 43 21 2'
#
loop_
_entity.id
_entity.type
_entity.pdbx_description
1 polymer RsiG
2 non-polymer 'SULFATE ION'
3 non-polymer 'MAGNESIUM ION'
4 water water
#
_entity_poly.entity_id   1
_entity_poly.type   'polypeptide(L)'
_entity_poly.pdbx_seq_one_letter_code
;GSH(MSE)ARESAEEVWGGTEDLTSLSVEELKGL(MSE)ARFDEEEKRISYRRRV(MSE)QGRIDVIRAEIVRRGGAVLS
PEELARVL(MSE)GDVGDESE
;
_entity_poly.pdbx_strand_id   B,A,D
#
loop_
_chem_comp.id
_chem_comp.type
_chem_comp.name
_chem_comp.formula
MG non-polymer 'MAGNESIUM ION' 'Mg 2'
SO4 non-polymer 'SULFATE ION' 'O4 S -2'
#
# COMPACT_ATOMS: atom_id res chain seq x y z
N GLU A 7 -1.38 27.67 -0.25
CA GLU A 7 -1.61 27.41 1.16
C GLU A 7 -1.85 25.92 1.42
N SER A 8 -2.44 25.23 0.45
CA SER A 8 -2.54 23.77 0.53
C SER A 8 -1.20 23.18 0.11
N ALA A 9 -0.85 22.03 0.69
CA ALA A 9 0.41 21.36 0.40
C ALA A 9 0.60 21.17 -1.11
N GLU A 10 -0.48 20.74 -1.77
CA GLU A 10 -0.42 20.50 -3.21
C GLU A 10 0.21 21.67 -3.94
N GLU A 11 -0.10 22.88 -3.48
CA GLU A 11 0.30 24.11 -4.16
C GLU A 11 1.70 24.57 -3.79
N VAL A 12 2.00 24.56 -2.49
CA VAL A 12 3.33 24.89 -2.00
C VAL A 12 4.39 24.01 -2.66
N TRP A 13 4.06 22.74 -2.81
CA TRP A 13 4.98 21.74 -3.37
C TRP A 13 5.06 21.82 -4.89
N GLY A 14 3.91 21.97 -5.52
CA GLY A 14 3.88 22.09 -6.97
C GLY A 14 4.54 23.36 -7.45
N GLY A 15 4.59 24.35 -6.55
CA GLY A 15 5.11 25.66 -6.90
C GLY A 15 6.57 25.87 -6.57
N THR A 16 7.16 24.92 -5.86
CA THR A 16 8.57 25.02 -5.49
C THR A 16 9.49 24.67 -6.66
N GLU A 17 10.40 25.58 -6.99
CA GLU A 17 11.36 25.36 -8.06
C GLU A 17 12.60 24.70 -7.50
N ASP A 18 13.05 25.19 -6.35
CA ASP A 18 14.29 24.77 -5.73
C ASP A 18 14.02 24.19 -4.35
N LEU A 19 14.39 22.94 -4.15
CA LEU A 19 14.12 22.24 -2.89
C LEU A 19 14.71 22.99 -1.70
N THR A 20 15.91 23.54 -1.88
CA THR A 20 16.64 24.17 -0.79
C THR A 20 15.98 25.46 -0.32
N SER A 21 15.00 25.94 -1.08
CA SER A 21 14.34 27.20 -0.73
C SER A 21 13.31 27.00 0.37
N LEU A 22 12.89 25.76 0.57
CA LEU A 22 11.90 25.43 1.60
C LEU A 22 12.51 25.42 3.00
N SER A 23 11.88 26.14 3.92
CA SER A 23 12.30 26.11 5.32
C SER A 23 12.30 24.68 5.82
N VAL A 24 12.76 24.46 7.04
CA VAL A 24 12.67 23.14 7.63
C VAL A 24 11.29 22.93 8.23
N GLU A 25 10.65 24.03 8.66
CA GLU A 25 9.30 23.95 9.19
C GLU A 25 8.36 23.41 8.13
N GLU A 26 8.43 23.99 6.94
CA GLU A 26 7.54 23.57 5.86
C GLU A 26 7.89 22.19 5.32
N LEU A 27 9.17 21.82 5.38
CA LEU A 27 9.57 20.48 5.01
C LEU A 27 8.82 19.45 5.85
N LYS A 28 8.87 19.65 7.16
CA LYS A 28 8.23 18.77 8.13
C LYS A 28 6.71 18.71 7.96
N GLY A 29 6.11 19.84 7.61
CA GLY A 29 4.69 19.90 7.37
C GLY A 29 4.31 19.08 6.16
N LEU A 30 5.08 19.21 5.09
CA LEU A 30 4.78 18.51 3.85
C LEU A 30 4.99 17.00 3.99
N MSE A 31 6.06 16.60 4.67
CA MSE A 31 6.31 15.18 4.90
C MSE A 31 5.16 14.58 5.69
O MSE A 31 4.69 13.48 5.39
CB MSE A 31 7.64 14.98 5.62
CG MSE A 31 8.00 13.49 5.83
SE MSE A 31 9.89 13.09 6.16
CE MSE A 31 10.19 13.94 7.89
N ALA A 32 4.71 15.31 6.70
CA ALA A 32 3.59 14.90 7.54
C ALA A 32 2.28 14.78 6.75
N ARG A 33 1.99 15.75 5.89
CA ARG A 33 0.78 15.70 5.08
C ARG A 33 0.83 14.54 4.08
N PHE A 34 1.95 14.42 3.36
CA PHE A 34 2.06 13.39 2.34
C PHE A 34 2.12 11.99 2.95
N ASP A 35 2.79 11.85 4.09
CA ASP A 35 2.77 10.57 4.80
C ASP A 35 1.34 10.07 5.12
N GLU A 36 0.50 10.96 5.65
CA GLU A 36 -0.85 10.55 6.01
C GLU A 36 -1.67 10.30 4.76
N GLU A 37 -1.41 11.10 3.73
CA GLU A 37 -2.08 10.91 2.45
C GLU A 37 -1.68 9.56 1.89
N GLU A 38 -0.39 9.25 2.00
CA GLU A 38 0.12 7.97 1.52
C GLU A 38 -0.63 6.82 2.17
N LYS A 39 -0.91 6.96 3.47
CA LYS A 39 -1.58 5.92 4.23
C LYS A 39 -3.01 5.73 3.77
N ARG A 40 -3.71 6.83 3.54
CA ARG A 40 -5.10 6.77 3.08
C ARG A 40 -5.19 6.12 1.71
N ILE A 41 -4.30 6.53 0.80
CA ILE A 41 -4.23 5.97 -0.55
C ILE A 41 -3.96 4.46 -0.56
N SER A 42 -3.10 4.02 0.36
CA SER A 42 -2.74 2.61 0.48
C SER A 42 -3.91 1.80 0.97
N TYR A 43 -4.74 2.43 1.80
CA TYR A 43 -5.91 1.74 2.32
C TYR A 43 -6.90 1.46 1.21
N ARG A 44 -7.21 2.48 0.39
CA ARG A 44 -8.02 2.28 -0.82
C ARG A 44 -7.48 1.20 -1.76
N ARG A 45 -6.18 1.24 -2.06
CA ARG A 45 -5.55 0.19 -2.87
C ARG A 45 -5.96 -1.18 -2.35
N ARG A 46 -5.80 -1.35 -1.03
CA ARG A 46 -6.04 -2.62 -0.39
C ARG A 46 -7.51 -2.99 -0.54
N VAL A 47 -8.38 -2.00 -0.42
CA VAL A 47 -9.80 -2.22 -0.63
C VAL A 47 -10.06 -2.71 -2.06
N MSE A 48 -9.53 -2.00 -3.05
CA MSE A 48 -9.68 -2.42 -4.44
C MSE A 48 -9.24 -3.87 -4.63
O MSE A 48 -9.95 -4.69 -5.20
CB MSE A 48 -8.89 -1.52 -5.40
CG MSE A 48 -9.47 -0.13 -5.63
SE MSE A 48 -11.30 -0.04 -6.36
CE MSE A 48 -12.28 -0.24 -4.69
N GLN A 49 -8.03 -4.19 -4.15
CA GLN A 49 -7.51 -5.56 -4.26
C GLN A 49 -8.44 -6.58 -3.59
N GLY A 50 -9.09 -6.18 -2.50
CA GLY A 50 -10.04 -7.03 -1.82
C GLY A 50 -11.24 -7.33 -2.72
N ARG A 51 -11.67 -6.33 -3.48
CA ARG A 51 -12.83 -6.46 -4.35
C ARG A 51 -12.53 -7.33 -5.57
N ILE A 52 -11.39 -7.06 -6.19
CA ILE A 52 -10.92 -7.83 -7.32
C ILE A 52 -10.79 -9.28 -6.90
N ASP A 53 -10.31 -9.48 -5.67
CA ASP A 53 -10.17 -10.81 -5.14
C ASP A 53 -11.52 -11.52 -4.98
N VAL A 54 -12.51 -10.81 -4.46
CA VAL A 54 -13.82 -11.37 -4.23
C VAL A 54 -14.49 -11.73 -5.56
N ILE A 55 -14.41 -10.81 -6.53
CA ILE A 55 -15.00 -11.04 -7.84
C ILE A 55 -14.31 -12.18 -8.58
N ARG A 56 -12.99 -12.28 -8.45
CA ARG A 56 -12.25 -13.32 -9.15
C ARG A 56 -12.58 -14.70 -8.61
N ALA A 57 -12.77 -14.80 -7.29
CA ALA A 57 -13.19 -16.04 -6.67
C ALA A 57 -14.60 -16.42 -7.09
N GLU A 58 -15.47 -15.42 -7.19
CA GLU A 58 -16.85 -15.66 -7.55
C GLU A 58 -16.92 -16.25 -8.95
N ILE A 59 -16.21 -15.62 -9.88
CA ILE A 59 -16.17 -16.10 -11.26
C ILE A 59 -15.59 -17.50 -11.34
N VAL A 60 -14.52 -17.76 -10.59
CA VAL A 60 -13.94 -19.10 -10.58
C VAL A 60 -14.94 -20.13 -10.01
N ARG A 61 -15.62 -19.74 -8.94
CA ARG A 61 -16.56 -20.64 -8.29
C ARG A 61 -17.59 -21.15 -9.28
N ARG A 62 -18.11 -20.24 -10.11
CA ARG A 62 -19.18 -20.56 -11.05
C ARG A 62 -18.68 -21.42 -12.21
N GLY A 63 -17.45 -21.18 -12.63
CA GLY A 63 -16.91 -21.84 -13.80
C GLY A 63 -17.74 -21.45 -15.01
N GLY A 64 -17.80 -22.35 -15.99
CA GLY A 64 -18.54 -22.09 -17.21
C GLY A 64 -17.58 -21.77 -18.34
N ALA A 65 -16.29 -21.73 -18.00
CA ALA A 65 -15.25 -21.40 -18.97
C ALA A 65 -15.49 -20.03 -19.59
N VAL A 66 -16.22 -19.18 -18.87
CA VAL A 66 -16.51 -17.83 -19.34
C VAL A 66 -15.21 -17.13 -19.75
N LEU A 67 -14.14 -17.45 -19.03
CA LEU A 67 -12.87 -16.79 -19.25
C LEU A 67 -11.72 -17.75 -19.10
N SER A 68 -10.62 -17.49 -19.81
CA SER A 68 -9.45 -18.33 -19.71
C SER A 68 -8.62 -17.90 -18.51
N PRO A 69 -7.98 -18.87 -17.86
CA PRO A 69 -7.10 -18.64 -16.71
C PRO A 69 -6.27 -17.37 -16.86
N GLU A 70 -5.69 -17.15 -18.04
CA GLU A 70 -4.87 -15.97 -18.27
C GLU A 70 -5.67 -14.68 -18.45
N GLU A 71 -6.95 -14.80 -18.78
CA GLU A 71 -7.81 -13.62 -18.81
C GLU A 71 -8.27 -13.23 -17.41
N LEU A 72 -8.53 -14.23 -16.56
CA LEU A 72 -8.79 -13.98 -15.15
C LEU A 72 -7.58 -13.36 -14.47
N ALA A 73 -6.40 -13.89 -14.75
CA ALA A 73 -5.17 -13.45 -14.08
C ALA A 73 -4.73 -12.05 -14.50
N ARG A 74 -4.95 -11.69 -15.76
CA ARG A 74 -4.51 -10.40 -16.26
C ARG A 74 -5.70 -9.43 -16.29
N VAL A 75 -6.86 -9.91 -15.88
CA VAL A 75 -8.10 -9.14 -15.98
C VAL A 75 -8.28 -8.63 -17.40
N LEU A 76 -8.29 -9.55 -18.36
CA LEU A 76 -8.58 -9.19 -19.75
C LEU A 76 -10.02 -9.58 -20.04
N MSE A 77 -10.92 -8.60 -19.99
CA MSE A 77 -12.33 -8.87 -20.23
C MSE A 77 -12.72 -8.60 -21.68
O MSE A 77 -13.13 -7.50 -22.03
CB MSE A 77 -13.20 -8.04 -19.28
CG MSE A 77 -12.65 -7.95 -17.86
SE MSE A 77 -13.00 -9.51 -16.73
CE MSE A 77 -11.59 -10.72 -17.37
N GLU B 7 -25.15 2.54 -11.16
CA GLU B 7 -24.66 2.74 -12.52
C GLU B 7 -23.14 2.66 -12.60
N SER B 8 -22.46 3.40 -11.72
CA SER B 8 -21.03 3.30 -11.59
C SER B 8 -20.71 2.01 -10.83
N ALA B 9 -19.51 1.49 -11.04
CA ALA B 9 -19.08 0.26 -10.39
C ALA B 9 -19.31 0.32 -8.89
N GLU B 10 -18.99 1.47 -8.30
CA GLU B 10 -19.13 1.68 -6.87
C GLU B 10 -20.57 1.48 -6.41
N GLU B 11 -21.51 2.08 -7.15
CA GLU B 11 -22.93 1.97 -6.82
C GLU B 11 -23.43 0.54 -6.94
N VAL B 12 -23.10 -0.11 -8.04
CA VAL B 12 -23.54 -1.49 -8.25
C VAL B 12 -23.04 -2.37 -7.12
N TRP B 13 -21.71 -2.31 -6.90
CA TRP B 13 -21.04 -3.10 -5.87
C TRP B 13 -21.62 -2.86 -4.50
N GLY B 14 -21.88 -1.59 -4.20
CA GLY B 14 -22.40 -1.19 -2.90
C GLY B 14 -23.85 -1.62 -2.69
N GLY B 15 -24.64 -1.60 -3.76
CA GLY B 15 -26.04 -1.96 -3.66
C GLY B 15 -26.29 -3.45 -3.77
N THR B 16 -25.26 -4.25 -3.48
CA THR B 16 -25.36 -5.70 -3.59
C THR B 16 -25.13 -6.38 -2.24
N GLU B 17 -26.07 -7.22 -1.83
CA GLU B 17 -25.95 -7.98 -0.60
C GLU B 17 -25.55 -9.42 -0.88
N ASP B 18 -25.86 -9.89 -2.08
CA ASP B 18 -25.54 -11.26 -2.46
C ASP B 18 -24.71 -11.30 -3.74
N LEU B 19 -23.47 -11.74 -3.60
CA LEU B 19 -22.55 -11.90 -4.72
C LEU B 19 -23.16 -12.72 -5.85
N THR B 20 -23.92 -13.75 -5.47
CA THR B 20 -24.41 -14.73 -6.42
C THR B 20 -25.54 -14.20 -7.26
N SER B 21 -26.05 -13.02 -6.90
CA SER B 21 -27.16 -12.42 -7.64
C SER B 21 -26.64 -11.70 -8.88
N LEU B 22 -25.33 -11.43 -8.89
CA LEU B 22 -24.72 -10.69 -9.99
C LEU B 22 -24.46 -11.59 -11.19
N SER B 23 -24.80 -11.09 -12.37
CA SER B 23 -24.52 -11.80 -13.61
C SER B 23 -23.03 -11.78 -13.91
N VAL B 24 -22.58 -12.73 -14.70
CA VAL B 24 -21.18 -12.78 -15.11
C VAL B 24 -20.80 -11.50 -15.86
N GLU B 25 -21.72 -10.96 -16.63
CA GLU B 25 -21.48 -9.70 -17.31
C GLU B 25 -21.15 -8.63 -16.28
N GLU B 26 -21.89 -8.62 -15.18
CA GLU B 26 -21.66 -7.64 -14.12
C GLU B 26 -20.28 -7.84 -13.48
N LEU B 27 -20.01 -9.04 -12.99
CA LEU B 27 -18.74 -9.33 -12.34
C LEU B 27 -17.56 -8.99 -13.27
N LYS B 28 -17.66 -9.35 -14.54
CA LYS B 28 -16.61 -9.00 -15.49
C LYS B 28 -16.41 -7.49 -15.55
N GLY B 29 -17.52 -6.77 -15.68
CA GLY B 29 -17.48 -5.32 -15.76
C GLY B 29 -16.94 -4.68 -14.51
N LEU B 30 -17.35 -5.18 -13.36
CA LEU B 30 -16.85 -4.70 -12.08
C LEU B 30 -15.35 -4.93 -11.93
N MSE B 31 -14.89 -6.12 -12.29
CA MSE B 31 -13.47 -6.43 -12.12
C MSE B 31 -12.62 -5.47 -12.93
O MSE B 31 -11.66 -4.90 -12.42
CB MSE B 31 -13.17 -7.87 -12.54
CG MSE B 31 -11.72 -8.26 -12.30
SE MSE B 31 -11.48 -10.18 -12.00
CE MSE B 31 -12.05 -10.84 -13.74
N ALA B 32 -12.96 -5.30 -14.21
CA ALA B 32 -12.24 -4.36 -15.06
C ALA B 32 -12.21 -2.97 -14.47
N ARG B 33 -13.37 -2.49 -14.02
CA ARG B 33 -13.47 -1.18 -13.39
C ARG B 33 -12.54 -1.04 -12.17
N PHE B 34 -12.58 -2.01 -11.27
CA PHE B 34 -11.76 -1.96 -10.07
C PHE B 34 -10.28 -2.16 -10.37
N ASP B 35 -9.98 -3.03 -11.32
CA ASP B 35 -8.60 -3.22 -11.70
C ASP B 35 -8.06 -1.89 -12.25
N GLU B 36 -8.89 -1.18 -13.00
CA GLU B 36 -8.51 0.11 -13.56
C GLU B 36 -8.18 1.08 -12.46
N GLU B 37 -9.10 1.21 -11.50
CA GLU B 37 -8.91 2.11 -10.36
C GLU B 37 -7.69 1.71 -9.54
N GLU B 38 -7.57 0.42 -9.23
CA GLU B 38 -6.42 -0.03 -8.46
C GLU B 38 -5.13 0.51 -9.08
N LYS B 39 -5.02 0.46 -10.40
CA LYS B 39 -3.83 0.98 -11.08
C LYS B 39 -3.66 2.50 -10.92
N ARG B 40 -4.74 3.25 -11.08
CA ARG B 40 -4.70 4.69 -10.87
C ARG B 40 -4.35 5.04 -9.42
N ILE B 41 -4.80 4.21 -8.49
CA ILE B 41 -4.49 4.42 -7.08
C ILE B 41 -3.01 4.14 -6.77
N SER B 42 -2.51 3.03 -7.29
CA SER B 42 -1.08 2.71 -7.14
C SER B 42 -0.18 3.81 -7.66
N TYR B 43 -0.52 4.39 -8.81
CA TYR B 43 0.26 5.49 -9.35
C TYR B 43 0.35 6.62 -8.35
N ARG B 44 -0.77 6.91 -7.72
CA ARG B 44 -0.87 7.97 -6.73
C ARG B 44 0.01 7.67 -5.51
N ARG B 45 -0.07 6.44 -5.01
CA ARG B 45 0.82 5.94 -3.92
C ARG B 45 2.30 6.21 -4.21
N ARG B 46 2.71 5.87 -5.43
CA ARG B 46 4.11 5.95 -5.80
C ARG B 46 4.55 7.41 -5.83
N VAL B 47 3.66 8.28 -6.26
CA VAL B 47 3.94 9.70 -6.25
C VAL B 47 4.13 10.17 -4.81
N MSE B 48 3.16 9.89 -3.94
CA MSE B 48 3.34 10.22 -2.51
C MSE B 48 4.67 9.71 -1.97
O MSE B 48 5.43 10.47 -1.36
CB MSE B 48 2.19 9.72 -1.63
CG MSE B 48 0.92 10.55 -1.74
SE MSE B 48 1.13 12.50 -1.51
CE MSE B 48 0.01 13.07 -2.98
N GLN B 49 4.98 8.42 -2.21
CA GLN B 49 6.23 7.83 -1.71
C GLN B 49 7.44 8.58 -2.21
N GLY B 50 7.44 8.92 -3.49
CA GLY B 50 8.48 9.78 -4.04
C GLY B 50 8.63 11.11 -3.32
N ARG B 51 7.51 11.77 -3.00
CA ARG B 51 7.57 13.08 -2.33
C ARG B 51 8.16 12.92 -0.93
N ILE B 52 7.63 11.95 -0.19
CA ILE B 52 8.16 11.62 1.12
C ILE B 52 9.65 11.32 1.00
N ASP B 53 10.02 10.61 -0.05
CA ASP B 53 11.40 10.23 -0.27
C ASP B 53 12.31 11.42 -0.45
N VAL B 54 11.95 12.31 -1.38
CA VAL B 54 12.74 13.50 -1.63
C VAL B 54 12.87 14.38 -0.38
N ILE B 55 11.77 14.50 0.36
CA ILE B 55 11.79 15.32 1.57
C ILE B 55 12.71 14.74 2.66
N ARG B 56 12.62 13.44 2.92
CA ARG B 56 13.47 12.83 3.94
C ARG B 56 14.96 12.96 3.58
N ALA B 57 15.28 12.93 2.29
CA ALA B 57 16.67 13.12 1.87
C ALA B 57 17.15 14.57 2.07
N GLU B 58 16.26 15.52 1.84
CA GLU B 58 16.61 16.94 1.99
C GLU B 58 16.89 17.25 3.46
N ILE B 59 16.06 16.73 4.35
CA ILE B 59 16.24 16.91 5.78
C ILE B 59 17.52 16.24 6.27
N VAL B 60 17.80 15.05 5.77
CA VAL B 60 19.03 14.34 6.11
C VAL B 60 20.21 15.11 5.56
N ARG B 61 20.06 15.67 4.37
CA ARG B 61 21.14 16.45 3.77
C ARG B 61 21.55 17.60 4.70
N ARG B 62 20.58 18.23 5.34
CA ARG B 62 20.86 19.36 6.23
C ARG B 62 21.34 18.96 7.62
N GLY B 63 21.62 17.67 7.83
CA GLY B 63 22.17 17.22 9.10
C GLY B 63 21.16 16.61 10.04
N GLY B 64 19.94 16.41 9.54
CA GLY B 64 18.88 15.77 10.31
C GLY B 64 18.13 16.71 11.24
N ALA B 65 18.40 18.01 11.11
CA ALA B 65 17.89 18.99 12.07
C ALA B 65 18.27 18.49 13.45
N VAL B 66 17.30 18.46 14.36
CA VAL B 66 17.55 17.82 15.64
C VAL B 66 16.55 16.70 15.79
N LEU B 67 16.17 16.14 14.63
CA LEU B 67 15.24 15.02 14.55
C LEU B 67 16.00 13.71 14.69
N SER B 68 15.61 12.91 15.68
CA SER B 68 16.24 11.61 15.86
C SER B 68 16.02 10.74 14.62
N PRO B 69 16.93 9.80 14.38
CA PRO B 69 16.77 8.85 13.27
C PRO B 69 15.38 8.20 13.25
N GLU B 70 14.87 7.79 14.40
CA GLU B 70 13.58 7.10 14.44
C GLU B 70 12.43 8.02 14.07
N GLU B 71 12.49 9.28 14.50
CA GLU B 71 11.47 10.25 14.09
C GLU B 71 11.46 10.44 12.58
N LEU B 72 12.64 10.45 11.97
CA LEU B 72 12.74 10.57 10.53
C LEU B 72 12.13 9.33 9.85
N ALA B 73 12.46 8.15 10.35
CA ALA B 73 11.99 6.89 9.78
C ALA B 73 10.49 6.63 10.00
N ARG B 74 9.95 7.15 11.08
CA ARG B 74 8.54 6.93 11.39
C ARG B 74 7.68 8.12 10.99
N VAL B 75 8.33 9.20 10.58
CA VAL B 75 7.64 10.43 10.25
C VAL B 75 6.77 10.85 11.43
N LEU B 76 7.40 10.92 12.60
CA LEU B 76 6.73 11.40 13.81
C LEU B 76 7.03 12.88 13.98
N MSE B 77 6.10 13.74 13.61
CA MSE B 77 6.33 15.16 13.78
C MSE B 77 5.09 16.03 13.62
O MSE B 77 4.99 17.10 14.20
CB MSE B 77 7.43 15.61 12.82
CG MSE B 77 7.33 14.97 11.48
SE MSE B 77 8.77 15.36 10.50
CE MSE B 77 7.93 15.69 8.95
N GLU C 7 -7.29 -21.74 20.82
CA GLU C 7 -7.92 -20.45 21.15
C GLU C 7 -7.41 -19.29 20.30
N SER C 8 -6.09 -19.12 20.22
CA SER C 8 -5.50 -18.11 19.33
C SER C 8 -5.65 -18.55 17.88
N ALA C 9 -5.85 -17.59 16.99
CA ALA C 9 -5.97 -17.86 15.56
C ALA C 9 -4.87 -18.78 15.03
N GLU C 10 -3.62 -18.48 15.39
CA GLU C 10 -2.50 -19.34 15.02
C GLU C 10 -2.76 -20.78 15.45
N GLU C 11 -3.02 -20.97 16.74
CA GLU C 11 -3.30 -22.31 17.28
C GLU C 11 -4.36 -23.04 16.46
N VAL C 12 -5.54 -22.42 16.34
CA VAL C 12 -6.65 -23.01 15.58
C VAL C 12 -6.31 -23.29 14.14
N TRP C 13 -5.86 -22.25 13.43
CA TRP C 13 -5.53 -22.37 12.01
C TRP C 13 -4.53 -23.48 11.78
N GLY C 14 -3.59 -23.63 12.71
CA GLY C 14 -2.56 -24.64 12.60
C GLY C 14 -3.13 -26.02 12.85
N GLY C 15 -4.17 -26.09 13.68
CA GLY C 15 -4.81 -27.35 14.02
C GLY C 15 -5.82 -27.81 12.99
N THR C 16 -6.09 -26.99 11.98
CA THR C 16 -7.05 -27.37 10.94
C THR C 16 -6.37 -28.14 9.83
N GLU C 17 -7.01 -29.21 9.39
CA GLU C 17 -6.47 -29.98 8.28
C GLU C 17 -7.34 -29.84 7.03
N ASP C 18 -8.59 -29.47 7.22
CA ASP C 18 -9.52 -29.30 6.11
C ASP C 18 -10.36 -28.05 6.31
N LEU C 19 -10.28 -27.13 5.34
CA LEU C 19 -11.02 -25.87 5.40
C LEU C 19 -12.52 -26.05 5.54
N THR C 20 -13.03 -27.08 4.87
CA THR C 20 -14.46 -27.31 4.79
C THR C 20 -15.09 -27.72 6.12
N SER C 21 -14.27 -28.19 7.06
CA SER C 21 -14.75 -28.56 8.38
C SER C 21 -14.90 -27.34 9.30
N LEU C 22 -14.47 -26.17 8.83
CA LEU C 22 -14.56 -24.95 9.62
C LEU C 22 -15.94 -24.32 9.48
N SER C 23 -16.53 -23.91 10.60
CA SER C 23 -17.80 -23.21 10.57
C SER C 23 -17.61 -21.78 10.07
N VAL C 24 -18.67 -21.20 9.51
CA VAL C 24 -18.64 -19.82 9.07
C VAL C 24 -18.11 -18.92 10.17
N GLU C 25 -18.68 -19.07 11.36
CA GLU C 25 -18.24 -18.28 12.50
C GLU C 25 -16.73 -18.38 12.68
N GLU C 26 -16.17 -19.57 12.48
CA GLU C 26 -14.74 -19.77 12.57
C GLU C 26 -14.00 -19.03 11.45
N LEU C 27 -14.47 -19.21 10.22
CA LEU C 27 -13.87 -18.56 9.07
C LEU C 27 -13.82 -17.03 9.21
N LYS C 28 -14.93 -16.44 9.64
CA LYS C 28 -15.00 -15.00 9.86
C LYS C 28 -14.03 -14.54 10.96
N GLY C 29 -13.93 -15.31 12.03
CA GLY C 29 -13.06 -14.96 13.13
C GLY C 29 -11.61 -14.98 12.69
N LEU C 30 -11.20 -16.09 12.06
CA LEU C 30 -9.87 -16.23 11.52
C LEU C 30 -9.51 -15.07 10.59
N MSE C 31 -10.43 -14.71 9.70
CA MSE C 31 -10.15 -13.70 8.72
C MSE C 31 -10.03 -12.31 9.33
O MSE C 31 -9.20 -11.50 8.92
CB MSE C 31 -11.17 -13.71 7.58
CG MSE C 31 -10.71 -12.88 6.39
SE MSE C 31 -11.74 -13.17 4.76
CE MSE C 31 -13.41 -12.27 5.21
N ALA C 32 -10.84 -12.04 10.35
CA ALA C 32 -10.75 -10.77 11.06
C ALA C 32 -9.38 -10.67 11.71
N ARG C 33 -9.00 -11.70 12.47
CA ARG C 33 -7.71 -11.74 13.15
C ARG C 33 -6.52 -11.59 12.20
N PHE C 34 -6.49 -12.43 11.18
CA PHE C 34 -5.38 -12.42 10.22
C PHE C 34 -5.32 -11.12 9.44
N ASP C 35 -6.47 -10.48 9.23
CA ASP C 35 -6.47 -9.20 8.58
C ASP C 35 -5.83 -8.14 9.48
N GLU C 36 -6.11 -8.22 10.78
CA GLU C 36 -5.47 -7.35 11.78
C GLU C 36 -3.95 -7.51 11.80
N GLU C 37 -3.50 -8.76 11.85
CA GLU C 37 -2.07 -9.03 11.94
C GLU C 37 -1.34 -8.53 10.71
N GLU C 38 -1.97 -8.71 9.55
CA GLU C 38 -1.37 -8.30 8.30
C GLU C 38 -1.15 -6.81 8.30
N LYS C 39 -2.12 -6.07 8.85
CA LYS C 39 -1.98 -4.61 8.94
C LYS C 39 -0.86 -4.20 9.89
N ARG C 40 -0.71 -4.92 11.00
CA ARG C 40 0.37 -4.63 11.93
C ARG C 40 1.72 -4.96 11.30
N ILE C 41 1.78 -6.07 10.59
CA ILE C 41 3.01 -6.48 9.93
C ILE C 41 3.39 -5.45 8.86
N SER C 42 2.43 -5.05 8.03
CA SER C 42 2.65 -3.98 7.06
C SER C 42 3.18 -2.73 7.73
N TYR C 43 2.60 -2.38 8.88
CA TYR C 43 2.99 -1.16 9.58
C TYR C 43 4.47 -1.24 9.97
N ARG C 44 4.87 -2.39 10.49
CA ARG C 44 6.24 -2.59 10.89
C ARG C 44 7.19 -2.65 9.68
N ARG C 45 6.69 -3.16 8.55
CA ARG C 45 7.43 -3.17 7.30
C ARG C 45 7.80 -1.74 6.92
N ARG C 46 6.79 -0.88 6.87
CA ARG C 46 6.98 0.52 6.52
C ARG C 46 7.97 1.24 7.45
N VAL C 47 7.95 0.91 8.74
CA VAL C 47 8.91 1.50 9.68
C VAL C 47 10.34 1.10 9.31
N MSE C 48 10.54 -0.20 9.08
CA MSE C 48 11.83 -0.73 8.64
C MSE C 48 12.34 -0.03 7.39
O MSE C 48 13.50 0.35 7.32
CB MSE C 48 11.74 -2.23 8.35
CG MSE C 48 11.78 -3.09 9.59
SE MSE C 48 13.37 -2.74 10.73
CE MSE C 48 12.56 -3.24 12.44
N GLN C 49 11.45 0.12 6.42
CA GLN C 49 11.78 0.78 5.17
C GLN C 49 12.19 2.22 5.38
N GLY C 50 11.53 2.90 6.31
CA GLY C 50 11.92 4.24 6.71
C GLY C 50 13.32 4.30 7.29
N ARG C 51 13.69 3.30 8.09
CA ARG C 51 15.02 3.24 8.67
C ARG C 51 16.08 3.04 7.60
N ILE C 52 15.87 2.04 6.75
CA ILE C 52 16.78 1.78 5.65
C ILE C 52 16.92 3.05 4.81
N ASP C 53 15.79 3.67 4.51
CA ASP C 53 15.79 4.91 3.74
C ASP C 53 16.69 5.98 4.36
N VAL C 54 16.50 6.24 5.65
CA VAL C 54 17.24 7.29 6.33
C VAL C 54 18.73 6.99 6.37
N ILE C 55 19.06 5.74 6.69
CA ILE C 55 20.44 5.29 6.76
C ILE C 55 21.17 5.43 5.43
N ARG C 56 20.53 4.98 4.36
CA ARG C 56 21.12 5.04 3.03
C ARG C 56 21.35 6.47 2.54
N ALA C 57 20.40 7.35 2.82
CA ALA C 57 20.53 8.76 2.49
C ALA C 57 21.74 9.35 3.22
N GLU C 58 21.96 8.89 4.44
CA GLU C 58 23.05 9.39 5.25
C GLU C 58 24.41 8.92 4.72
N ILE C 59 24.45 7.69 4.22
CA ILE C 59 25.68 7.14 3.62
C ILE C 59 26.03 7.87 2.32
N VAL C 60 25.01 8.12 1.51
CA VAL C 60 25.17 8.88 0.29
C VAL C 60 25.57 10.32 0.60
N ARG C 61 24.96 10.89 1.63
CA ARG C 61 25.29 12.26 2.07
C ARG C 61 26.76 12.44 2.35
N ARG C 62 27.39 11.40 2.90
CA ARG C 62 28.80 11.49 3.28
C ARG C 62 29.74 11.18 2.10
N GLY C 63 29.26 10.40 1.14
CA GLY C 63 30.10 9.95 0.04
C GLY C 63 31.37 9.32 0.60
N GLY C 64 32.45 9.41 -0.16
CA GLY C 64 33.73 8.89 0.27
C GLY C 64 34.05 7.54 -0.35
N ALA C 65 33.20 7.12 -1.29
CA ALA C 65 33.40 5.87 -2.02
C ALA C 65 33.49 4.66 -1.09
N VAL C 66 32.84 4.76 0.06
CA VAL C 66 32.82 3.68 1.04
C VAL C 66 32.16 2.45 0.44
N LEU C 67 31.19 2.69 -0.44
CA LEU C 67 30.39 1.62 -1.04
C LEU C 67 29.96 2.00 -2.44
N SER C 68 29.89 1.02 -3.33
CA SER C 68 29.46 1.26 -4.69
C SER C 68 27.95 1.49 -4.76
N PRO C 69 27.48 2.19 -5.79
CA PRO C 69 26.04 2.42 -5.94
C PRO C 69 25.25 1.12 -5.79
N GLU C 70 25.69 0.06 -6.47
CA GLU C 70 24.96 -1.21 -6.41
C GLU C 70 25.02 -1.88 -5.04
N GLU C 71 26.11 -1.67 -4.31
CA GLU C 71 26.24 -2.19 -2.96
C GLU C 71 25.24 -1.54 -2.03
N LEU C 72 25.00 -0.25 -2.24
CA LEU C 72 24.00 0.49 -1.47
C LEU C 72 22.60 0.05 -1.85
N ALA C 73 22.36 -0.14 -3.15
CA ALA C 73 21.03 -0.46 -3.66
C ALA C 73 20.53 -1.84 -3.24
N ARG C 74 21.44 -2.80 -3.13
CA ARG C 74 21.09 -4.16 -2.74
C ARG C 74 21.48 -4.42 -1.29
N VAL C 75 22.00 -3.39 -0.63
CA VAL C 75 22.45 -3.51 0.74
C VAL C 75 23.38 -4.72 0.86
N LEU C 76 24.56 -4.60 0.28
CA LEU C 76 25.60 -5.60 0.40
C LEU C 76 26.74 -5.08 1.30
N MSE C 77 26.90 -5.67 2.48
CA MSE C 77 28.00 -5.29 3.36
C MSE C 77 28.52 -6.47 4.17
O MSE C 77 29.73 -6.69 4.25
CB MSE C 77 27.60 -4.14 4.30
CG MSE C 77 26.12 -3.78 4.28
SE MSE C 77 25.84 -1.84 4.04
CE MSE C 77 25.90 -1.72 2.10
S SO4 D . 1.05 -6.10 -2.51
O1 SO4 D . 1.85 -7.24 -2.07
O2 SO4 D . 1.95 -4.97 -2.80
O3 SO4 D . 0.35 -6.48 -3.73
O4 SO4 D . 0.11 -5.72 -1.47
MG MG E . -9.69 -15.25 -2.64
MG MG F . 15.33 7.96 0.02
S SO4 G . -10.31 -17.72 15.80
O1 SO4 G . -10.53 -17.51 17.24
O2 SO4 G . -9.07 -17.11 15.40
O3 SO4 G . -11.41 -17.14 15.03
O4 SO4 G . -10.25 -19.16 15.53
#